data_4WQO
#
_entry.id   4WQO
#
_cell.length_a   108.278
_cell.length_b   108.278
_cell.length_c   213.768
_cell.angle_alpha   90.000
_cell.angle_beta   90.000
_cell.angle_gamma   120.000
#
_symmetry.space_group_name_H-M   'P 32 2 1'
#
loop_
_entity.id
_entity.type
_entity.pdbx_description
1 polymer 'Von Hippel-Lindau disease tumor suppressor'
2 polymer 'Transcription elongation factor B polypeptide 2'
3 polymer 'Transcription elongation factor B polypeptide 1'
4 polymer Cullin-2
#
loop_
_entity_poly.entity_id
_entity_poly.type
_entity_poly.pdbx_seq_one_letter_code
_entity_poly.pdbx_strand_id
1 'polypeptide(L)'
;MGSSHHHHHHSSGLVPRGSHMPRRAENWDEAEVGAEEAGVEEYGPEEDGGEESGAEESGPEESGPEELGAEEEMEAGRPR
PVLRSVNSREPSQVIFCNRSPRVVLPVWLNFDGEPQPYPTLPPGTGRRIHSYRGHLWLFRDAGTHDGLLVNQTELFVPSL
NVDGQPIFANITLPVYTLKERCLQVVRSLVKPENYRRLDIVRSLYEDLEDHPNVQKDLERLTQERIAHQRMGD
;
A
2 'polypeptide(L)'
;MDVFLMIRRHKTTIFTDAKESSTVFELKRIVEGILKRPPDEQRLYKDDQLLDDGKTLGECGFTSQTARPQAPATVGLAFR
ADDTFEALCIEPFSSPPELPDVMKPQDSGSSANEQAVQ
;
B
3 'polypeptide(L)'
;MYVKLISSDGHEFIVKREHALTSGTIKAMLSGPGQFAENETNEVNFREIPSHVLSKVCMYFTYKVRYTNSSTEIPEFPIA
PEIALELLMAANFLDC
;
C
4 'polypeptide(L)'
;MGSSHHHHHHSQDPTTVKLQAGFMSLKPRVVDFDETWNKLLTTIKAVVMLEYVERATWNDRFSDIYALCVAYPEPLGERL
YTETKIFLENHVRHLHKRVLESEEQVLVMYHRYWEEYSKGADYMDCLYRYLNTQFIKKNKLTEADLQYGYGGVDMNEPLM
EIGELALDMWRKLMVEPLQAILIRML
;
D
#
# COMPACT_ATOMS: atom_id res chain seq x y z
N ARG A 80 -2.27 -13.86 36.68
CA ARG A 80 -1.33 -12.75 36.50
C ARG A 80 -1.04 -12.25 35.06
N PRO A 81 -1.64 -12.83 34.00
CA PRO A 81 -1.27 -12.24 32.71
C PRO A 81 -1.87 -10.86 32.47
N VAL A 82 -1.25 -10.10 31.58
CA VAL A 82 -1.67 -8.76 31.21
C VAL A 82 -3.05 -8.74 30.57
N LEU A 83 -3.18 -9.33 29.38
CA LEU A 83 -4.47 -9.38 28.70
C LEU A 83 -5.29 -10.59 29.14
N ARG A 84 -6.25 -10.30 30.01
CA ARG A 84 -7.16 -11.26 30.61
C ARG A 84 -8.36 -10.51 31.14
N SER A 85 -9.46 -11.22 31.34
CA SER A 85 -10.66 -10.57 31.89
C SER A 85 -10.49 -10.52 33.38
N VAL A 86 -11.13 -9.53 34.00
CA VAL A 86 -11.10 -9.41 35.46
C VAL A 86 -12.45 -9.89 35.82
N ASN A 87 -12.59 -10.69 36.88
CA ASN A 87 -13.93 -11.14 37.19
C ASN A 87 -14.71 -10.10 37.96
N SER A 88 -14.99 -8.98 37.30
CA SER A 88 -15.77 -7.91 37.90
C SER A 88 -17.15 -8.51 37.99
N ARG A 89 -17.67 -8.77 39.17
CA ARG A 89 -18.98 -9.37 39.28
C ARG A 89 -20.11 -8.44 38.82
N GLU A 90 -19.80 -7.45 37.99
CA GLU A 90 -20.81 -6.52 37.50
C GLU A 90 -21.23 -6.72 36.05
N PRO A 91 -22.41 -7.34 35.86
CA PRO A 91 -23.06 -7.69 34.59
C PRO A 91 -23.26 -6.54 33.61
N SER A 92 -23.03 -6.88 32.34
CA SER A 92 -23.20 -5.94 31.24
C SER A 92 -23.85 -6.64 30.04
N GLN A 93 -24.99 -6.11 29.63
CA GLN A 93 -25.74 -6.66 28.50
C GLN A 93 -25.14 -6.20 27.20
N VAL A 94 -24.77 -7.17 26.36
CA VAL A 94 -24.17 -6.79 25.09
C VAL A 94 -24.86 -7.49 23.94
N ILE A 95 -24.87 -6.86 22.78
CA ILE A 95 -25.45 -7.44 21.59
C ILE A 95 -24.33 -7.35 20.55
N PHE A 96 -23.90 -8.51 20.04
CA PHE A 96 -22.84 -8.61 19.02
C PHE A 96 -23.44 -8.40 17.63
N CYS A 97 -22.97 -7.43 16.86
CA CYS A 97 -23.55 -7.24 15.53
C CYS A 97 -22.51 -7.43 14.42
N ASN A 98 -22.67 -8.51 13.64
CA ASN A 98 -21.73 -8.81 12.56
C ASN A 98 -22.08 -8.05 11.29
N ARG A 99 -21.43 -6.92 11.09
CA ARG A 99 -21.64 -6.10 9.92
C ARG A 99 -20.48 -6.31 9.00
N SER A 100 -20.14 -7.58 8.78
CA SER A 100 -19.05 -7.90 7.90
C SER A 100 -19.51 -9.06 7.04
N PRO A 101 -18.75 -9.40 6.00
CA PRO A 101 -19.16 -10.53 5.16
C PRO A 101 -18.53 -11.84 5.56
N ARG A 102 -17.87 -11.89 6.70
CA ARG A 102 -17.22 -13.12 7.11
C ARG A 102 -18.06 -13.86 8.14
N VAL A 103 -17.82 -15.16 8.31
CA VAL A 103 -18.50 -15.87 9.39
C VAL A 103 -17.63 -15.50 10.58
N VAL A 104 -18.18 -14.82 11.58
CA VAL A 104 -17.35 -14.38 12.66
C VAL A 104 -17.30 -15.32 13.86
N LEU A 105 -16.11 -15.61 14.34
CA LEU A 105 -15.91 -16.44 15.51
C LEU A 105 -15.50 -15.52 16.69
N PRO A 106 -16.42 -15.33 17.67
CA PRO A 106 -16.11 -14.50 18.84
C PRO A 106 -15.22 -15.26 19.82
N VAL A 107 -14.24 -14.56 20.37
CA VAL A 107 -13.30 -15.14 21.31
C VAL A 107 -13.23 -14.40 22.62
N TRP A 108 -13.51 -15.11 23.71
CA TRP A 108 -13.45 -14.50 25.04
C TRP A 108 -12.14 -14.82 25.73
N LEU A 109 -11.48 -13.84 26.32
CA LEU A 109 -10.24 -14.15 27.02
C LEU A 109 -10.62 -14.39 28.44
N ASN A 110 -10.43 -15.60 28.96
CA ASN A 110 -10.87 -15.85 30.32
C ASN A 110 -9.95 -15.17 31.32
N PHE A 111 -10.16 -15.49 32.59
CA PHE A 111 -9.42 -14.88 33.69
C PHE A 111 -7.94 -15.23 33.68
N ASP A 112 -7.56 -16.23 32.89
CA ASP A 112 -6.16 -16.62 32.80
C ASP A 112 -5.58 -16.25 31.45
N GLY A 113 -6.29 -15.38 30.73
CA GLY A 113 -5.87 -14.90 29.42
C GLY A 113 -5.91 -15.94 28.31
N GLU A 114 -6.58 -17.05 28.54
CA GLU A 114 -6.65 -18.07 27.50
C GLU A 114 -7.88 -17.77 26.66
N PRO A 115 -7.73 -17.81 25.35
CA PRO A 115 -8.80 -17.53 24.39
C PRO A 115 -9.81 -18.68 24.35
N GLN A 116 -11.09 -18.37 24.46
CA GLN A 116 -12.12 -19.38 24.45
C GLN A 116 -13.08 -19.07 23.30
N PRO A 117 -13.34 -20.07 22.42
CA PRO A 117 -14.23 -19.91 21.26
C PRO A 117 -15.69 -19.92 21.62
N TYR A 118 -16.50 -19.21 20.86
CA TYR A 118 -17.93 -19.23 21.14
C TYR A 118 -18.62 -19.50 19.77
N PRO A 119 -19.90 -19.88 19.77
CA PRO A 119 -20.66 -20.16 18.53
C PRO A 119 -20.46 -19.11 17.43
N THR A 120 -20.26 -19.53 16.18
CA THR A 120 -20.03 -18.55 15.13
C THR A 120 -21.29 -17.80 14.68
N LEU A 121 -21.08 -16.65 14.04
CA LEU A 121 -22.12 -15.77 13.51
C LEU A 121 -22.08 -15.51 12.01
N PRO A 122 -23.21 -15.70 11.32
CA PRO A 122 -23.28 -15.43 9.88
C PRO A 122 -23.21 -13.91 9.66
N PRO A 123 -22.86 -13.47 8.45
CA PRO A 123 -22.69 -12.07 8.05
C PRO A 123 -23.83 -11.04 8.25
N GLY A 124 -25.07 -11.45 8.34
CA GLY A 124 -26.13 -10.46 8.55
C GLY A 124 -26.84 -10.62 9.88
N THR A 125 -26.16 -11.22 10.85
CA THR A 125 -26.73 -11.50 12.16
C THR A 125 -26.08 -10.89 13.40
N GLY A 126 -26.91 -10.80 14.43
CA GLY A 126 -26.62 -10.26 15.75
C GLY A 126 -26.93 -11.29 16.82
N ARG A 127 -26.39 -11.10 18.03
CA ARG A 127 -26.63 -12.08 19.10
C ARG A 127 -26.54 -11.49 20.53
N ARG A 128 -27.48 -11.86 21.41
CA ARG A 128 -27.40 -11.35 22.80
C ARG A 128 -26.43 -12.08 23.69
N ILE A 129 -25.65 -11.31 24.44
CA ILE A 129 -24.65 -11.84 25.34
C ILE A 129 -24.70 -11.27 26.75
N HIS A 130 -24.51 -12.15 27.73
CA HIS A 130 -24.45 -11.74 29.12
C HIS A 130 -22.98 -11.72 29.46
N SER A 131 -22.38 -10.54 29.49
CA SER A 131 -20.98 -10.50 29.83
C SER A 131 -20.85 -9.71 31.12
N TYR A 132 -19.64 -9.25 31.40
CA TYR A 132 -19.35 -8.50 32.61
C TYR A 132 -18.43 -7.32 32.30
N ARG A 133 -18.55 -6.27 33.12
CA ARG A 133 -17.74 -5.08 33.00
C ARG A 133 -16.33 -5.62 33.08
N GLY A 134 -15.42 -5.17 32.22
CA GLY A 134 -14.05 -5.64 32.30
C GLY A 134 -13.68 -6.98 31.71
N HIS A 135 -14.59 -7.63 30.99
CA HIS A 135 -14.23 -8.89 30.32
C HIS A 135 -13.62 -8.51 28.98
N LEU A 136 -12.75 -9.36 28.44
CA LEU A 136 -12.13 -9.04 27.14
C LEU A 136 -12.59 -9.94 26.00
N TRP A 137 -12.90 -9.31 24.87
CA TRP A 137 -13.32 -10.06 23.69
C TRP A 137 -12.60 -9.60 22.43
N LEU A 138 -12.34 -10.54 21.53
CA LEU A 138 -11.79 -10.20 20.23
C LEU A 138 -12.54 -11.05 19.19
N PHE A 139 -12.41 -10.71 17.91
CA PHE A 139 -13.19 -11.40 16.91
C PHE A 139 -12.40 -11.76 15.66
N ARG A 140 -12.67 -12.94 15.10
CA ARG A 140 -11.90 -13.39 13.96
C ARG A 140 -12.70 -14.04 12.86
N ASP A 141 -12.10 -14.24 11.68
CA ASP A 141 -12.84 -14.95 10.63
C ASP A 141 -12.87 -16.38 11.15
N ALA A 142 -14.04 -16.99 11.21
CA ALA A 142 -14.17 -18.34 11.74
C ALA A 142 -13.33 -19.37 11.02
N GLY A 143 -13.23 -19.25 9.70
CA GLY A 143 -12.49 -20.20 8.89
C GLY A 143 -11.00 -19.96 8.62
N THR A 144 -10.60 -18.70 8.68
CA THR A 144 -9.23 -18.31 8.38
C THR A 144 -8.47 -17.68 9.55
N HIS A 145 -9.18 -17.25 10.58
CA HIS A 145 -8.61 -16.55 11.73
C HIS A 145 -8.10 -15.15 11.42
N ASP A 146 -8.57 -14.61 10.31
CA ASP A 146 -8.28 -13.23 9.90
C ASP A 146 -8.79 -12.28 11.02
N GLY A 147 -8.09 -11.19 11.27
CA GLY A 147 -8.46 -10.23 12.28
C GLY A 147 -9.71 -9.45 11.86
N LEU A 148 -10.56 -9.10 12.82
CA LEU A 148 -11.77 -8.32 12.55
C LEU A 148 -11.84 -7.18 13.56
N LEU A 149 -12.67 -6.18 13.30
CA LEU A 149 -12.73 -5.09 14.26
C LEU A 149 -14.01 -5.05 15.04
N VAL A 150 -13.92 -4.53 16.26
CA VAL A 150 -15.13 -4.41 17.01
C VAL A 150 -15.15 -2.97 17.46
N ASN A 151 -16.15 -2.24 16.99
CA ASN A 151 -16.23 -0.82 17.27
C ASN A 151 -14.96 -0.16 16.78
N GLN A 152 -14.46 -0.54 15.59
CA GLN A 152 -13.24 0.05 15.02
C GLN A 152 -11.92 -0.35 15.70
N THR A 153 -11.90 -1.26 16.66
CA THR A 153 -10.63 -1.63 17.30
C THR A 153 -10.45 -3.15 17.40
N GLU A 154 -9.34 -3.56 18.01
CA GLU A 154 -8.95 -4.95 18.13
C GLU A 154 -9.71 -5.67 19.22
N LEU A 155 -9.85 -4.97 20.34
CA LEU A 155 -10.50 -5.54 21.52
C LEU A 155 -11.77 -4.82 21.97
N PHE A 156 -12.69 -5.61 22.53
CA PHE A 156 -13.94 -5.11 23.04
C PHE A 156 -14.03 -5.38 24.52
N VAL A 157 -14.29 -4.33 25.30
CA VAL A 157 -14.42 -4.45 26.74
C VAL A 157 -15.75 -3.88 27.23
N PRO A 158 -16.69 -4.73 27.66
CA PRO A 158 -17.96 -4.19 28.14
C PRO A 158 -17.75 -3.21 29.30
N SER A 159 -18.51 -2.12 29.32
CA SER A 159 -18.48 -1.12 30.38
C SER A 159 -19.88 -1.18 30.96
N LEU A 160 -20.16 -0.45 32.04
CA LEU A 160 -21.52 -0.48 32.61
C LEU A 160 -22.52 0.20 31.66
N ASN A 161 -23.69 -0.42 31.53
CA ASN A 161 -24.77 0.05 30.66
C ASN A 161 -25.42 1.36 31.10
N VAL A 162 -25.62 2.28 30.15
CA VAL A 162 -26.24 3.56 30.44
C VAL A 162 -27.71 3.65 30.00
N ASP A 163 -28.57 4.02 30.95
CA ASP A 163 -30.00 4.16 30.74
C ASP A 163 -30.62 2.86 30.24
N GLY A 164 -30.02 1.74 30.65
CA GLY A 164 -30.49 0.42 30.29
C GLY A 164 -30.39 0.12 28.81
N GLN A 165 -29.55 0.87 28.13
CA GLN A 165 -29.33 0.67 26.71
C GLN A 165 -28.18 -0.35 26.62
N PRO A 166 -28.40 -1.47 25.92
CA PRO A 166 -27.32 -2.45 25.82
C PRO A 166 -26.12 -1.90 25.04
N ILE A 167 -24.91 -2.34 25.38
CA ILE A 167 -23.71 -1.89 24.71
C ILE A 167 -23.47 -2.75 23.47
N PHE A 168 -23.32 -2.07 22.33
CA PHE A 168 -23.04 -2.69 21.04
C PHE A 168 -21.58 -2.95 20.74
N ALA A 169 -21.37 -4.11 20.16
CA ALA A 169 -20.09 -4.60 19.72
C ALA A 169 -20.26 -4.87 18.22
N ASN A 170 -19.89 -3.87 17.43
CA ASN A 170 -19.97 -3.92 15.96
C ASN A 170 -18.77 -4.60 15.26
N ILE A 171 -19.01 -5.73 14.63
CA ILE A 171 -17.88 -6.41 14.01
C ILE A 171 -17.83 -5.92 12.59
N THR A 172 -16.69 -5.42 12.17
CA THR A 172 -16.65 -4.91 10.82
C THR A 172 -15.38 -5.47 10.20
N LEU A 173 -15.32 -5.41 8.88
CA LEU A 173 -14.11 -5.85 8.23
C LEU A 173 -13.08 -4.77 8.38
N PRO A 174 -11.82 -5.15 8.50
CA PRO A 174 -11.08 -3.91 8.54
C PRO A 174 -10.66 -3.64 7.10
N VAL A 175 -10.08 -2.50 6.81
CA VAL A 175 -9.62 -2.31 5.46
C VAL A 175 -8.21 -2.91 5.46
N TYR A 176 -8.05 -4.11 4.91
CA TYR A 176 -6.75 -4.79 4.91
C TYR A 176 -5.82 -4.15 3.92
N THR A 177 -4.50 -4.27 4.14
CA THR A 177 -3.57 -3.70 3.14
C THR A 177 -3.72 -4.56 1.89
N LEU A 178 -3.37 -4.04 0.73
CA LEU A 178 -3.52 -4.86 -0.48
C LEU A 178 -2.71 -6.12 -0.36
N LYS A 179 -1.49 -6.00 0.16
CA LYS A 179 -0.65 -7.16 0.34
C LYS A 179 -1.29 -8.19 1.29
N GLU A 180 -1.84 -7.72 2.41
CA GLU A 180 -2.43 -8.64 3.38
C GLU A 180 -3.64 -9.34 2.75
N ARG A 181 -4.42 -8.59 1.97
CA ARG A 181 -5.59 -9.15 1.29
C ARG A 181 -5.16 -10.22 0.26
N CYS A 182 -4.08 -9.94 -0.48
CA CYS A 182 -3.57 -10.91 -1.45
C CYS A 182 -3.08 -12.16 -0.75
N LEU A 183 -2.41 -11.98 0.38
CA LEU A 183 -1.96 -13.13 1.13
C LEU A 183 -3.20 -13.95 1.55
N GLN A 184 -4.26 -13.27 1.95
CA GLN A 184 -5.46 -14.02 2.32
C GLN A 184 -5.99 -14.86 1.18
N VAL A 185 -6.12 -14.25 0.01
CA VAL A 185 -6.67 -14.99 -1.13
C VAL A 185 -5.81 -16.20 -1.51
N VAL A 186 -4.51 -15.95 -1.62
CA VAL A 186 -3.54 -16.98 -1.96
C VAL A 186 -3.52 -18.12 -0.90
N ARG A 187 -3.58 -17.79 0.39
CA ARG A 187 -3.60 -18.84 1.42
C ARG A 187 -4.85 -19.68 1.26
N SER A 188 -5.95 -19.01 0.89
CA SER A 188 -7.23 -19.71 0.71
C SER A 188 -7.21 -20.56 -0.54
N LEU A 189 -6.23 -20.34 -1.43
CA LEU A 189 -6.22 -21.13 -2.68
C LEU A 189 -5.14 -22.18 -2.79
N VAL A 190 -4.06 -22.01 -2.06
CA VAL A 190 -2.96 -22.97 -2.16
C VAL A 190 -2.76 -23.70 -0.81
N LYS A 191 -2.52 -25.00 -0.87
CA LYS A 191 -2.27 -25.78 0.34
C LYS A 191 -0.90 -25.31 0.80
N PRO A 192 -0.69 -25.19 2.12
CA PRO A 192 0.56 -24.75 2.73
C PRO A 192 1.81 -25.49 2.23
N GLU A 193 1.71 -26.81 2.08
CA GLU A 193 2.82 -27.64 1.62
C GLU A 193 3.23 -27.25 0.21
N ASN A 194 2.47 -26.36 -0.40
CA ASN A 194 2.77 -25.92 -1.75
C ASN A 194 3.16 -24.47 -1.86
N TYR A 195 3.15 -23.74 -0.74
CA TYR A 195 3.52 -22.35 -0.81
C TYR A 195 4.83 -22.17 -1.57
N ARG A 196 5.84 -22.93 -1.19
CA ARG A 196 7.15 -22.83 -1.83
C ARG A 196 7.24 -23.24 -3.30
N ARG A 197 6.18 -23.82 -3.84
CA ARG A 197 6.16 -24.23 -5.23
C ARG A 197 5.61 -23.13 -6.14
N LEU A 198 5.15 -22.06 -5.51
CA LEU A 198 4.62 -20.90 -6.21
C LEU A 198 5.76 -20.03 -6.78
N ASP A 199 5.59 -19.53 -8.01
CA ASP A 199 6.59 -18.67 -8.67
C ASP A 199 6.42 -17.17 -8.32
N ILE A 200 6.74 -16.84 -7.08
CA ILE A 200 6.66 -15.51 -6.50
C ILE A 200 7.98 -15.20 -5.81
N VAL A 201 8.22 -13.93 -5.47
CA VAL A 201 9.47 -13.60 -4.82
C VAL A 201 9.68 -14.43 -3.57
N ARG A 202 10.90 -14.91 -3.37
CA ARG A 202 11.29 -15.72 -2.23
C ARG A 202 10.72 -15.27 -0.87
N SER A 203 10.91 -14.00 -0.55
CA SER A 203 10.48 -13.40 0.70
C SER A 203 9.02 -13.59 1.03
N LEU A 204 8.18 -13.70 0.01
CA LEU A 204 6.76 -13.84 0.23
C LEU A 204 6.38 -15.19 0.82
N TYR A 205 7.21 -16.19 0.64
CA TYR A 205 6.91 -17.49 1.21
C TYR A 205 6.74 -17.40 2.74
N GLU A 206 7.66 -16.69 3.41
CA GLU A 206 7.63 -16.53 4.85
C GLU A 206 6.36 -15.77 5.26
N ASP A 207 6.03 -14.76 4.44
CA ASP A 207 4.88 -13.96 4.70
C ASP A 207 3.62 -14.83 4.65
N LEU A 208 3.51 -15.68 3.63
CA LEU A 208 2.37 -16.60 3.49
C LEU A 208 2.24 -17.57 4.65
N GLU A 209 3.36 -18.12 5.11
CA GLU A 209 3.36 -19.10 6.20
C GLU A 209 2.97 -18.46 7.52
N ASP A 210 3.13 -17.16 7.63
CA ASP A 210 2.79 -16.42 8.84
C ASP A 210 1.28 -16.08 8.84
N HIS A 211 0.47 -17.15 8.93
CA HIS A 211 -0.98 -17.05 8.89
C HIS A 211 -1.45 -16.37 10.14
N PRO A 212 -2.65 -15.75 10.09
CA PRO A 212 -3.23 -15.05 11.24
C PRO A 212 -3.27 -15.96 12.45
N ASN A 213 -2.92 -15.40 13.59
CA ASN A 213 -2.89 -16.16 14.83
C ASN A 213 -3.34 -15.38 16.07
N VAL A 214 -4.37 -15.88 16.79
CA VAL A 214 -4.81 -15.15 17.97
C VAL A 214 -3.71 -15.01 19.05
N GLN A 215 -2.98 -16.09 19.33
CA GLN A 215 -1.92 -16.03 20.35
C GLN A 215 -0.90 -14.95 19.98
N LYS A 216 -0.52 -14.87 18.70
CA LYS A 216 0.46 -13.87 18.30
C LYS A 216 -0.07 -12.47 18.49
N ASP A 217 -1.37 -12.32 18.29
CA ASP A 217 -1.98 -11.03 18.46
C ASP A 217 -1.92 -10.69 19.93
N LEU A 218 -2.22 -11.67 20.78
CA LEU A 218 -2.18 -11.44 22.21
C LEU A 218 -0.80 -10.97 22.66
N GLU A 219 0.25 -11.56 22.09
CA GLU A 219 1.59 -11.15 22.48
C GLU A 219 1.82 -9.71 22.04
N ARG A 220 1.39 -9.40 20.82
CA ARG A 220 1.52 -8.04 20.28
C ARG A 220 0.76 -7.01 21.12
N LEU A 221 -0.51 -7.30 21.40
CA LEU A 221 -1.35 -6.43 22.20
C LEU A 221 -0.78 -6.23 23.60
N THR A 222 -0.14 -7.26 24.16
CA THR A 222 0.43 -7.11 25.50
C THR A 222 1.60 -6.12 25.45
N GLN A 223 2.39 -6.22 24.38
CA GLN A 223 3.52 -5.30 24.21
C GLN A 223 3.01 -3.86 24.04
N GLU A 224 2.08 -3.65 23.09
CA GLU A 224 1.50 -2.34 22.85
C GLU A 224 0.90 -1.75 24.12
N ARG A 225 0.24 -2.62 24.89
CA ARG A 225 -0.41 -2.29 26.17
C ARG A 225 0.59 -1.67 27.13
N ILE A 226 1.60 -2.45 27.51
CA ILE A 226 2.60 -1.95 28.44
C ILE A 226 3.25 -0.63 27.94
N ALA A 227 3.99 -0.66 26.83
CA ALA A 227 4.63 0.56 26.32
C ALA A 227 3.60 1.59 25.86
N MET B 1 -24.53 6.97 -2.72
CA MET B 1 -24.82 8.09 -3.62
C MET B 1 -23.72 8.28 -4.67
N ASP B 2 -22.49 7.99 -4.30
CA ASP B 2 -21.39 8.13 -5.23
C ASP B 2 -21.26 6.91 -6.16
N VAL B 3 -20.86 7.17 -7.40
CA VAL B 3 -20.62 6.11 -8.35
C VAL B 3 -19.13 6.24 -8.71
N PHE B 4 -18.44 5.10 -8.80
CA PHE B 4 -17.03 5.16 -9.08
C PHE B 4 -16.73 4.70 -10.49
N LEU B 5 -16.01 5.52 -11.24
CA LEU B 5 -15.77 5.23 -12.64
C LEU B 5 -14.33 5.18 -13.08
N MET B 6 -14.16 4.62 -14.27
CA MET B 6 -12.91 4.60 -14.99
C MET B 6 -13.30 5.03 -16.39
N ILE B 7 -12.87 6.23 -16.79
CA ILE B 7 -13.18 6.76 -18.12
C ILE B 7 -12.02 6.41 -19.04
N ARG B 8 -12.30 5.59 -20.05
CA ARG B 8 -11.24 5.10 -20.93
C ARG B 8 -11.31 5.40 -22.43
N ARG B 9 -10.16 5.78 -23.00
CA ARG B 9 -10.06 6.00 -24.44
C ARG B 9 -8.61 5.72 -24.91
N HIS B 10 -8.40 4.82 -25.89
CA HIS B 10 -7.05 4.53 -26.38
C HIS B 10 -5.97 4.24 -25.33
N LYS B 11 -5.97 3.05 -24.71
CA LYS B 11 -4.97 2.70 -23.70
C LYS B 11 -4.78 3.72 -22.54
N THR B 12 -5.80 4.55 -22.30
CA THR B 12 -5.79 5.56 -21.25
C THR B 12 -6.94 5.33 -20.27
N THR B 13 -6.68 5.41 -18.97
CA THR B 13 -7.80 5.32 -18.04
C THR B 13 -7.73 6.29 -16.88
N ILE B 14 -8.85 6.96 -16.66
CA ILE B 14 -8.96 7.94 -15.59
C ILE B 14 -9.83 7.38 -14.48
N PHE B 15 -9.32 7.34 -13.25
CA PHE B 15 -10.12 6.88 -12.14
C PHE B 15 -10.68 8.09 -11.53
N THR B 16 -12.00 8.11 -11.40
CA THR B 16 -12.65 9.25 -10.78
C THR B 16 -13.96 8.83 -10.19
N ASP B 17 -14.51 9.68 -9.33
CA ASP B 17 -15.79 9.41 -8.71
C ASP B 17 -16.75 10.55 -9.02
N ALA B 18 -18.05 10.27 -8.92
CA ALA B 18 -19.05 11.31 -9.19
C ALA B 18 -20.36 10.98 -8.49
N LYS B 19 -21.24 11.97 -8.36
CA LYS B 19 -22.53 11.75 -7.69
C LYS B 19 -23.51 11.15 -8.71
N GLU B 20 -24.32 10.21 -8.26
CA GLU B 20 -25.33 9.59 -9.11
C GLU B 20 -26.24 10.65 -9.72
N SER B 21 -26.36 11.76 -9.00
CA SER B 21 -27.21 12.88 -9.37
C SER B 21 -26.61 13.90 -10.33
N SER B 22 -25.31 13.79 -10.59
CA SER B 22 -24.65 14.74 -11.47
C SER B 22 -24.94 14.42 -12.91
N THR B 23 -24.73 15.40 -13.79
CA THR B 23 -25.01 15.19 -15.19
C THR B 23 -23.77 14.78 -15.96
N VAL B 24 -24.02 14.33 -17.17
CA VAL B 24 -23.02 13.90 -18.12
C VAL B 24 -22.09 15.05 -18.51
N PHE B 25 -22.68 16.21 -18.71
CA PHE B 25 -21.92 17.39 -19.09
C PHE B 25 -20.83 17.68 -18.03
N GLU B 26 -21.18 17.52 -16.76
CA GLU B 26 -20.25 17.77 -15.65
C GLU B 26 -19.09 16.78 -15.68
N LEU B 27 -19.37 15.58 -16.19
CA LEU B 27 -18.33 14.58 -16.31
C LEU B 27 -17.42 15.06 -17.41
N LYS B 28 -18.01 15.63 -18.46
CA LYS B 28 -17.17 16.15 -19.53
C LYS B 28 -16.28 17.24 -18.94
N ARG B 29 -16.78 18.02 -17.98
CA ARG B 29 -15.93 19.05 -17.35
C ARG B 29 -14.77 18.46 -16.57
N ILE B 30 -15.00 17.33 -15.89
CA ILE B 30 -13.91 16.67 -15.15
C ILE B 30 -12.85 16.25 -16.16
N VAL B 31 -13.32 15.66 -17.26
CA VAL B 31 -12.43 15.19 -18.31
C VAL B 31 -11.68 16.39 -18.91
N GLU B 32 -12.33 17.54 -19.04
CA GLU B 32 -11.68 18.73 -19.60
C GLU B 32 -10.56 19.18 -18.65
N GLY B 33 -10.83 19.10 -17.36
CA GLY B 33 -9.84 19.49 -16.36
C GLY B 33 -8.63 18.55 -16.34
N ILE B 34 -8.84 17.28 -16.69
CA ILE B 34 -7.74 16.31 -16.67
C ILE B 34 -6.98 16.19 -18.00
N LEU B 35 -7.71 16.05 -19.10
CA LEU B 35 -7.10 15.87 -20.41
C LEU B 35 -7.06 17.10 -21.30
N LYS B 36 -7.54 18.22 -20.79
CA LYS B 36 -7.49 19.48 -21.52
C LYS B 36 -8.17 19.50 -22.92
N ARG B 37 -9.37 18.94 -23.02
CA ARG B 37 -10.15 18.99 -24.28
C ARG B 37 -11.58 19.37 -23.89
N PRO B 38 -12.12 20.46 -24.46
CA PRO B 38 -13.48 20.91 -24.13
C PRO B 38 -14.59 19.91 -24.39
N PRO B 39 -15.72 20.04 -23.67
CA PRO B 39 -16.95 19.23 -23.71
C PRO B 39 -17.52 19.09 -25.11
N ASP B 40 -17.41 20.16 -25.89
CA ASP B 40 -17.94 20.17 -27.24
C ASP B 40 -17.08 19.35 -28.19
N GLU B 41 -16.04 18.73 -27.64
CA GLU B 41 -15.16 17.87 -28.41
C GLU B 41 -15.23 16.49 -27.77
N GLN B 42 -16.14 16.30 -26.82
CA GLN B 42 -16.23 15.00 -26.19
C GLN B 42 -17.55 14.29 -26.42
N ARG B 43 -17.46 12.98 -26.55
CA ARG B 43 -18.60 12.08 -26.66
C ARG B 43 -18.37 10.96 -25.65
N LEU B 44 -19.28 10.79 -24.69
CA LEU B 44 -19.13 9.73 -23.69
C LEU B 44 -20.11 8.60 -23.92
N TYR B 45 -19.71 7.35 -23.71
CA TYR B 45 -20.64 6.26 -24.00
C TYR B 45 -20.73 5.21 -22.91
N LYS B 46 -21.89 4.59 -22.78
CA LYS B 46 -22.04 3.44 -21.88
C LYS B 46 -22.53 2.24 -22.73
N ASP B 47 -21.67 1.29 -23.11
CA ASP B 47 -22.15 0.18 -23.98
C ASP B 47 -22.64 0.67 -25.35
N ASP B 48 -21.78 1.37 -26.08
CA ASP B 48 -22.04 1.92 -27.41
C ASP B 48 -23.18 2.96 -27.44
N GLN B 49 -23.67 3.36 -26.27
CA GLN B 49 -24.74 4.36 -26.17
C GLN B 49 -24.21 5.77 -25.98
N LEU B 50 -24.53 6.71 -26.88
CA LEU B 50 -24.05 8.08 -26.64
C LEU B 50 -24.84 8.67 -25.48
N LEU B 51 -24.12 9.19 -24.50
CA LEU B 51 -24.75 9.77 -23.33
C LEU B 51 -25.08 11.23 -23.58
N ASP B 52 -26.33 11.60 -23.32
CA ASP B 52 -26.79 12.96 -23.53
C ASP B 52 -26.28 13.91 -22.44
N ASP B 53 -25.81 15.08 -22.88
CA ASP B 53 -25.27 16.11 -21.98
C ASP B 53 -26.15 16.40 -20.77
N GLY B 54 -27.45 16.48 -21.00
CA GLY B 54 -28.40 16.84 -19.96
C GLY B 54 -28.89 15.77 -19.00
N LYS B 55 -28.56 14.50 -19.25
CA LYS B 55 -29.05 13.45 -18.35
C LYS B 55 -28.14 13.27 -17.14
N THR B 56 -28.72 12.83 -16.02
CA THR B 56 -27.91 12.58 -14.83
C THR B 56 -27.33 11.17 -14.97
N LEU B 57 -26.26 10.89 -14.21
CA LEU B 57 -25.62 9.57 -14.23
C LEU B 57 -26.57 8.46 -13.81
N GLY B 58 -27.46 8.79 -12.89
CA GLY B 58 -28.46 7.83 -12.43
C GLY B 58 -29.37 7.54 -13.60
N GLU B 59 -29.83 8.60 -14.29
CA GLU B 59 -30.70 8.41 -15.45
C GLU B 59 -30.02 7.63 -16.58
N CYS B 60 -28.69 7.62 -16.58
CA CYS B 60 -27.90 6.91 -17.59
C CYS B 60 -27.66 5.43 -17.26
N GLY B 61 -28.06 5.00 -16.07
CA GLY B 61 -27.89 3.61 -15.69
C GLY B 61 -26.82 3.34 -14.65
N PHE B 62 -26.13 4.41 -14.22
CA PHE B 62 -25.11 4.24 -13.20
C PHE B 62 -25.79 4.29 -11.86
N THR B 63 -25.39 3.39 -10.99
CA THR B 63 -25.94 3.27 -9.66
C THR B 63 -24.81 3.00 -8.71
N SER B 64 -24.90 3.53 -7.50
CA SER B 64 -23.84 3.30 -6.53
C SER B 64 -23.68 1.78 -6.32
N GLN B 65 -24.77 1.05 -6.54
CA GLN B 65 -24.77 -0.40 -6.41
C GLN B 65 -23.93 -1.12 -7.45
N THR B 66 -23.65 -0.47 -8.58
CA THR B 66 -22.85 -1.11 -9.64
C THR B 66 -21.47 -0.47 -9.84
N ALA B 67 -21.40 0.85 -9.75
CA ALA B 67 -20.15 1.57 -9.89
C ALA B 67 -19.46 1.69 -8.52
N ARG B 68 -18.83 0.63 -8.02
CA ARG B 68 -18.23 0.74 -6.68
C ARG B 68 -16.74 1.05 -6.76
N PRO B 69 -16.13 1.59 -5.67
CA PRO B 69 -14.69 1.91 -5.70
C PRO B 69 -13.82 0.77 -6.21
N GLN B 70 -14.08 -0.40 -5.68
CA GLN B 70 -13.34 -1.60 -5.98
C GLN B 70 -13.78 -2.34 -7.25
N ALA B 71 -14.84 -1.86 -7.89
CA ALA B 71 -15.31 -2.47 -9.13
C ALA B 71 -16.06 -1.39 -9.91
N PRO B 72 -15.32 -0.36 -10.37
CA PRO B 72 -15.87 0.80 -11.10
C PRO B 72 -16.56 0.52 -12.41
N ALA B 73 -17.53 1.36 -12.77
CA ALA B 73 -18.24 1.20 -14.03
C ALA B 73 -17.38 1.89 -15.10
N THR B 74 -17.31 1.34 -16.30
CA THR B 74 -16.50 1.93 -17.37
C THR B 74 -17.24 2.94 -18.26
N VAL B 75 -16.62 4.09 -18.50
CA VAL B 75 -17.21 5.08 -19.40
C VAL B 75 -16.31 5.30 -20.63
N GLY B 76 -16.86 5.03 -21.82
CA GLY B 76 -16.11 5.22 -23.06
C GLY B 76 -16.02 6.67 -23.46
N LEU B 77 -14.91 7.04 -24.10
CA LEU B 77 -14.70 8.41 -24.53
C LEU B 77 -14.18 8.54 -25.95
N ALA B 78 -14.75 9.47 -26.71
CA ALA B 78 -14.29 9.72 -28.09
C ALA B 78 -14.22 11.22 -28.32
N PHE B 79 -13.27 11.62 -29.16
CA PHE B 79 -13.05 13.04 -29.48
C PHE B 79 -13.45 13.55 -30.88
N ARG B 80 -13.85 14.81 -30.96
CA ARG B 80 -14.21 15.38 -32.26
C ARG B 80 -12.86 15.78 -32.82
N ALA B 81 -12.70 15.84 -34.14
CA ALA B 81 -11.41 16.24 -34.68
C ALA B 81 -11.51 17.39 -35.67
N ASP B 82 -10.62 17.38 -36.66
CA ASP B 82 -10.57 18.45 -37.63
C ASP B 82 -11.74 18.29 -38.58
N ASP B 83 -12.86 18.96 -38.24
CA ASP B 83 -14.09 18.92 -39.03
C ASP B 83 -14.78 17.55 -38.97
N THR B 84 -14.21 16.62 -38.21
CA THR B 84 -14.77 15.29 -38.10
C THR B 84 -14.92 14.76 -36.67
N PHE B 85 -15.67 13.66 -36.56
CA PHE B 85 -15.94 12.99 -35.30
C PHE B 85 -15.34 11.58 -35.19
N GLU B 86 -14.50 11.36 -34.17
CA GLU B 86 -13.80 10.07 -33.99
C GLU B 86 -14.68 8.86 -33.63
N ALA B 87 -14.16 7.70 -34.01
CA ALA B 87 -14.78 6.40 -33.81
C ALA B 87 -14.19 5.85 -32.51
N LEU B 88 -15.06 5.55 -31.55
CA LEU B 88 -14.64 5.03 -30.25
C LEU B 88 -13.83 3.72 -30.27
N CYS B 89 -12.66 3.79 -29.62
CA CYS B 89 -11.74 2.67 -29.48
C CYS B 89 -11.08 2.71 -28.11
N ILE B 90 -11.35 1.67 -27.33
CA ILE B 90 -10.78 1.51 -26.00
C ILE B 90 -9.87 0.29 -26.03
N GLU B 91 -8.56 0.51 -25.91
CA GLU B 91 -7.65 -0.63 -25.95
C GLU B 91 -7.78 -1.45 -24.66
N PRO B 92 -7.98 -2.76 -24.79
CA PRO B 92 -8.14 -3.74 -23.71
C PRO B 92 -6.90 -3.87 -22.85
N PHE B 93 -7.08 -4.29 -21.61
CA PHE B 93 -5.94 -4.49 -20.72
C PHE B 93 -5.23 -5.79 -21.06
N SER B 94 -4.11 -6.04 -20.38
CA SER B 94 -3.35 -7.26 -20.63
C SER B 94 -4.07 -8.48 -20.04
N SER B 95 -3.56 -9.67 -20.32
CA SER B 95 -4.18 -10.87 -19.77
C SER B 95 -3.27 -11.63 -18.83
N PRO B 96 -3.86 -12.22 -17.77
CA PRO B 96 -3.05 -12.99 -16.83
C PRO B 96 -2.72 -14.35 -17.42
N PRO B 97 -1.72 -15.03 -16.87
CA PRO B 97 -1.37 -16.34 -17.42
C PRO B 97 -2.38 -17.40 -17.03
N GLU B 98 -2.22 -18.61 -17.56
CA GLU B 98 -3.12 -19.70 -17.22
C GLU B 98 -2.94 -19.93 -15.72
N LEU B 99 -4.04 -20.16 -15.03
CA LEU B 99 -3.96 -20.42 -13.61
C LEU B 99 -3.07 -21.64 -13.35
N PRO B 100 -1.98 -21.44 -12.58
CA PRO B 100 -1.02 -22.51 -12.23
C PRO B 100 -1.70 -23.67 -11.50
N ASP B 101 -1.26 -24.89 -11.77
CA ASP B 101 -1.82 -26.11 -11.17
C ASP B 101 -2.06 -26.12 -9.65
N VAL B 102 -1.12 -25.57 -8.87
CA VAL B 102 -1.19 -25.54 -7.42
C VAL B 102 -2.40 -24.76 -6.83
N MET B 103 -3.01 -23.92 -7.66
CA MET B 103 -4.14 -23.12 -7.22
C MET B 103 -5.44 -23.74 -7.70
N LYS B 104 -5.32 -24.87 -8.39
CA LYS B 104 -6.46 -25.62 -8.91
C LYS B 104 -7.03 -26.59 -7.87
N MET C 1 -2.79 17.74 -8.19
CA MET C 1 -4.15 17.20 -8.32
C MET C 1 -4.21 15.74 -8.80
N TYR C 2 -3.63 15.44 -9.96
CA TYR C 2 -3.64 14.08 -10.51
C TYR C 2 -2.24 13.59 -10.95
N VAL C 3 -2.02 12.27 -10.84
CA VAL C 3 -0.77 11.62 -11.26
C VAL C 3 -1.02 10.52 -12.28
N LYS C 4 -0.08 10.37 -13.20
CA LYS C 4 -0.24 9.35 -14.21
C LYS C 4 0.73 8.18 -14.01
N LEU C 5 0.14 7.00 -13.82
CA LEU C 5 0.90 5.79 -13.63
C LEU C 5 0.86 5.05 -14.96
N ILE C 6 2.04 4.63 -15.39
CA ILE C 6 2.25 3.92 -16.64
C ILE C 6 2.52 2.45 -16.40
N SER C 7 1.78 1.58 -17.05
CA SER C 7 2.04 0.18 -16.80
C SER C 7 3.10 -0.26 -17.78
N SER C 8 3.58 -1.48 -17.60
CA SER C 8 4.63 -2.06 -18.44
C SER C 8 4.23 -2.10 -19.91
N ASP C 9 2.96 -2.36 -20.20
CA ASP C 9 2.54 -2.46 -21.59
C ASP C 9 2.10 -1.13 -22.16
N GLY C 10 2.46 -0.04 -21.49
CA GLY C 10 2.14 1.28 -22.01
C GLY C 10 0.83 1.95 -21.65
N HIS C 11 -0.03 1.26 -20.89
CA HIS C 11 -1.29 1.85 -20.49
C HIS C 11 -1.08 2.99 -19.51
N GLU C 12 -1.91 4.02 -19.66
CA GLU C 12 -1.83 5.16 -18.79
C GLU C 12 -3.05 5.17 -17.89
N PHE C 13 -2.80 5.29 -16.58
CA PHE C 13 -3.81 5.34 -15.55
C PHE C 13 -3.69 6.68 -14.85
N ILE C 14 -4.75 7.49 -14.89
CA ILE C 14 -4.65 8.78 -14.24
C ILE C 14 -5.46 8.68 -12.98
N VAL C 15 -4.82 8.88 -11.83
CA VAL C 15 -5.54 8.75 -10.57
C VAL C 15 -5.30 9.96 -9.72
N LYS C 16 -6.21 10.22 -8.77
CA LYS C 16 -6.03 11.36 -7.89
C LYS C 16 -4.70 11.14 -7.18
N ARG C 17 -3.93 12.20 -7.04
CA ARG C 17 -2.62 12.13 -6.43
C ARG C 17 -2.72 11.56 -5.00
N GLU C 18 -3.70 12.07 -4.24
CA GLU C 18 -3.90 11.63 -2.87
C GLU C 18 -4.14 10.10 -2.83
N HIS C 19 -4.82 9.56 -3.84
CA HIS C 19 -5.07 8.13 -3.87
C HIS C 19 -3.79 7.34 -4.14
N ALA C 20 -3.01 7.84 -5.09
CA ALA C 20 -1.77 7.20 -5.46
C ALA C 20 -0.81 7.16 -4.28
N LEU C 21 -0.89 8.15 -3.40
CA LEU C 21 -0.01 8.17 -2.23
C LEU C 21 -0.27 7.04 -1.24
N THR C 22 -1.33 6.27 -1.47
CA THR C 22 -1.61 5.14 -0.61
C THR C 22 -0.43 4.20 -0.65
N SER C 23 0.25 4.22 -1.79
CA SER C 23 1.43 3.41 -2.01
C SER C 23 2.64 4.04 -1.40
N GLY C 24 3.29 3.35 -0.46
CA GLY C 24 4.47 3.89 0.15
C GLY C 24 5.56 4.05 -0.88
N THR C 25 5.62 3.13 -1.82
CA THR C 25 6.60 3.16 -2.89
C THR C 25 6.35 4.37 -3.75
N ILE C 26 5.10 4.64 -4.15
CA ILE C 26 4.81 5.80 -4.99
C ILE C 26 5.05 7.09 -4.19
N LYS C 27 4.70 7.10 -2.91
CA LYS C 27 4.92 8.25 -2.04
C LYS C 27 6.45 8.51 -2.11
N ALA C 28 7.25 7.45 -1.96
CA ALA C 28 8.73 7.54 -2.00
C ALA C 28 9.29 7.96 -3.37
N MET C 29 8.66 7.49 -4.44
CA MET C 29 9.09 7.85 -5.79
C MET C 29 8.88 9.34 -6.00
N LEU C 30 7.81 9.91 -5.45
CA LEU C 30 7.64 11.32 -5.73
C LEU C 30 8.12 12.15 -4.56
N SER C 31 8.74 11.49 -3.58
CA SER C 31 9.30 12.16 -2.40
C SER C 31 10.53 12.82 -2.91
N GLY C 32 10.99 12.26 -4.02
CA GLY C 32 12.31 12.54 -4.54
C GLY C 32 12.27 13.48 -5.72
N PRO C 33 13.46 13.98 -6.08
CA PRO C 33 14.58 13.60 -5.22
C PRO C 33 15.23 14.68 -4.35
N GLY C 34 14.52 15.53 -3.60
CA GLY C 34 13.07 15.67 -3.59
C GLY C 34 12.67 16.97 -4.27
N GLN C 35 13.69 17.64 -4.76
CA GLN C 35 13.63 18.92 -5.48
C GLN C 35 12.84 18.89 -6.80
N PHE C 36 12.22 20.03 -7.11
CA PHE C 36 11.42 20.20 -8.33
C PHE C 36 10.49 19.02 -8.58
N ALA C 37 9.82 18.60 -7.52
CA ALA C 37 8.70 17.66 -7.61
C ALA C 37 7.43 18.45 -7.91
N GLU C 38 7.62 19.70 -8.33
CA GLU C 38 6.52 20.63 -8.60
C GLU C 38 6.71 21.34 -9.94
N ASN C 39 7.55 20.78 -10.80
CA ASN C 39 7.76 21.32 -12.16
C ASN C 39 6.61 20.94 -13.10
N GLU C 40 5.49 20.55 -12.50
CA GLU C 40 4.24 20.18 -13.19
C GLU C 40 4.37 18.92 -14.07
N THR C 41 5.42 18.13 -13.86
CA THR C 41 5.72 16.95 -14.69
C THR C 41 5.52 15.60 -13.98
N ASN C 42 4.45 15.48 -13.18
CA ASN C 42 4.29 14.31 -12.32
C ASN C 42 3.73 13.06 -13.02
N GLU C 43 4.60 12.07 -13.20
CA GLU C 43 4.24 10.73 -13.72
C GLU C 43 5.25 9.65 -13.30
N VAL C 44 4.74 8.43 -13.12
CA VAL C 44 5.50 7.24 -12.74
C VAL C 44 5.51 6.08 -13.75
N ASN C 45 6.68 5.49 -14.09
CA ASN C 45 6.59 4.39 -15.04
C ASN C 45 7.17 3.19 -14.39
N PHE C 46 6.25 2.23 -14.39
CA PHE C 46 6.36 0.92 -13.84
C PHE C 46 6.79 -0.12 -14.83
N ARG C 47 8.06 -0.43 -15.02
CA ARG C 47 8.25 -1.23 -16.21
C ARG C 47 8.05 -2.72 -15.90
N GLU C 48 7.66 -3.03 -14.67
CA GLU C 48 7.39 -4.40 -14.28
C GLU C 48 5.91 -4.79 -14.12
N ILE C 49 4.99 -3.82 -14.11
CA ILE C 49 3.56 -4.14 -13.93
C ILE C 49 2.63 -4.04 -15.15
N PRO C 50 1.97 -5.13 -15.53
CA PRO C 50 1.06 -5.18 -16.67
C PRO C 50 -0.22 -4.41 -16.39
N SER C 51 -0.91 -3.95 -17.43
CA SER C 51 -2.11 -3.17 -17.23
C SER C 51 -3.22 -3.90 -16.42
N HIS C 52 -3.33 -5.22 -16.56
CA HIS C 52 -4.37 -5.95 -15.82
C HIS C 52 -4.06 -5.94 -14.32
N VAL C 53 -2.82 -5.59 -13.95
CA VAL C 53 -2.49 -5.53 -12.52
C VAL C 53 -2.62 -4.06 -12.06
N LEU C 54 -2.04 -3.11 -12.80
CA LEU C 54 -2.14 -1.71 -12.41
C LEU C 54 -3.58 -1.25 -12.29
N SER C 55 -4.47 -1.77 -13.13
CA SER C 55 -5.87 -1.36 -13.02
C SER C 55 -6.41 -1.77 -11.63
N LYS C 56 -6.12 -2.99 -11.18
CA LYS C 56 -6.58 -3.39 -9.86
C LYS C 56 -5.92 -2.58 -8.76
N VAL C 57 -4.64 -2.27 -8.94
CA VAL C 57 -3.96 -1.49 -7.93
C VAL C 57 -4.70 -0.19 -7.78
N CYS C 58 -5.06 0.44 -8.88
CA CYS C 58 -5.78 1.70 -8.79
C CYS C 58 -7.18 1.51 -8.13
N MET C 59 -7.83 0.38 -8.40
CA MET C 59 -9.14 0.16 -7.79
C MET C 59 -8.92 0.04 -6.31
N TYR C 60 -7.81 -0.57 -5.91
CA TYR C 60 -7.52 -0.68 -4.49
C TYR C 60 -7.29 0.71 -3.91
N PHE C 61 -6.60 1.59 -4.64
CA PHE C 61 -6.40 2.92 -4.12
C PHE C 61 -7.74 3.58 -3.84
N THR C 62 -8.67 3.49 -4.80
CA THR C 62 -9.98 4.14 -4.63
C THR C 62 -10.72 3.50 -3.43
N TYR C 63 -10.69 2.17 -3.35
CA TYR C 63 -11.33 1.41 -2.26
C TYR C 63 -10.76 1.85 -0.93
N LYS C 64 -9.46 1.90 -0.87
CA LYS C 64 -8.74 2.29 0.31
C LYS C 64 -9.12 3.65 0.80
N VAL C 65 -9.11 4.65 -0.08
CA VAL C 65 -9.44 6.02 0.30
C VAL C 65 -10.90 6.13 0.76
N ARG C 66 -11.79 5.45 0.06
CA ARG C 66 -13.19 5.51 0.44
C ARG C 66 -13.52 4.87 1.75
N TYR C 67 -13.06 3.66 2.00
CA TYR C 67 -13.49 3.04 3.23
C TYR C 67 -12.65 3.27 4.50
N THR C 68 -11.45 3.84 4.39
CA THR C 68 -10.76 4.06 5.66
C THR C 68 -11.44 5.24 6.31
N ASN C 69 -11.67 5.14 7.63
CA ASN C 69 -12.31 6.24 8.34
C ASN C 69 -13.71 6.52 7.84
N SER C 70 -14.44 5.45 7.56
CA SER C 70 -15.79 5.59 7.11
C SER C 70 -16.47 4.62 8.03
N SER C 71 -17.67 4.99 8.47
CA SER C 71 -18.43 4.15 9.37
C SER C 71 -19.46 3.35 8.62
N THR C 72 -19.37 3.42 7.30
CA THR C 72 -20.30 2.67 6.50
C THR C 72 -19.76 1.25 6.57
N GLU C 73 -20.64 0.30 6.33
CA GLU C 73 -20.29 -1.11 6.34
C GLU C 73 -19.27 -1.25 5.26
N ILE C 74 -18.09 -1.77 5.63
CA ILE C 74 -16.98 -1.96 4.69
C ILE C 74 -17.11 -3.32 4.07
N PRO C 75 -17.12 -3.37 2.73
CA PRO C 75 -17.22 -4.58 1.91
C PRO C 75 -15.89 -5.29 1.68
N GLU C 76 -15.93 -6.55 1.25
CA GLU C 76 -14.69 -7.28 0.98
C GLU C 76 -14.06 -6.75 -0.29
N PHE C 77 -12.72 -6.73 -0.32
CA PHE C 77 -12.01 -6.37 -1.55
C PHE C 77 -11.78 -7.64 -2.37
N PRO C 78 -12.39 -7.71 -3.55
CA PRO C 78 -12.32 -8.83 -4.50
C PRO C 78 -11.00 -8.97 -5.27
N ILE C 79 -10.51 -10.21 -5.36
CA ILE C 79 -9.31 -10.52 -6.11
C ILE C 79 -9.50 -11.81 -6.88
N ALA C 80 -9.57 -11.70 -8.21
CA ALA C 80 -9.75 -12.90 -9.01
C ALA C 80 -8.51 -13.75 -8.85
N PRO C 81 -8.68 -15.07 -8.71
CA PRO C 81 -7.61 -16.06 -8.55
C PRO C 81 -6.45 -15.97 -9.55
N GLU C 82 -6.72 -15.71 -10.83
CA GLU C 82 -5.64 -15.68 -11.81
C GLU C 82 -4.74 -14.43 -11.72
N ILE C 83 -5.16 -13.43 -10.95
CA ILE C 83 -4.33 -12.22 -10.76
C ILE C 83 -3.81 -12.14 -9.34
N ALA C 84 -4.22 -13.07 -8.48
CA ALA C 84 -3.80 -13.08 -7.08
C ALA C 84 -2.27 -12.99 -6.93
N LEU C 85 -1.53 -13.80 -7.69
CA LEU C 85 -0.05 -13.83 -7.62
C LEU C 85 0.62 -12.54 -8.09
N GLU C 86 0.15 -12.04 -9.22
CA GLU C 86 0.68 -10.80 -9.77
C GLU C 86 0.33 -9.62 -8.82
N LEU C 87 -0.88 -9.63 -8.24
CA LEU C 87 -1.28 -8.59 -7.33
C LEU C 87 -0.48 -8.66 -6.07
N LEU C 88 -0.18 -9.86 -5.61
CA LEU C 88 0.60 -9.97 -4.39
C LEU C 88 1.98 -9.38 -4.63
N MET C 89 2.56 -9.69 -5.77
CA MET C 89 3.88 -9.13 -6.06
C MET C 89 3.86 -7.62 -6.24
N ALA C 90 2.78 -7.10 -6.84
CA ALA C 90 2.65 -5.67 -7.05
C ALA C 90 2.41 -4.97 -5.73
N ALA C 91 1.59 -5.56 -4.86
CA ALA C 91 1.30 -4.99 -3.55
C ALA C 91 2.56 -4.94 -2.71
N ASN C 92 3.39 -5.97 -2.82
CA ASN C 92 4.65 -6.07 -2.10
C ASN C 92 5.61 -5.01 -2.56
N PHE C 93 5.71 -4.91 -3.86
CA PHE C 93 6.57 -3.92 -4.50
C PHE C 93 6.16 -2.48 -4.23
N LEU C 94 4.85 -2.21 -4.31
CA LEU C 94 4.33 -0.86 -4.10
C LEU C 94 4.13 -0.52 -2.64
N ASP C 95 4.27 -1.52 -1.76
CA ASP C 95 4.11 -1.32 -0.34
C ASP C 95 2.74 -0.73 -0.01
N CYS C 96 1.67 -1.46 -0.31
CA CYS C 96 0.35 -0.95 0.03
C CYS C 96 -0.59 -2.12 0.30
N MET D 24 10.34 -6.64 -18.64
CA MET D 24 10.70 -7.27 -17.38
C MET D 24 9.47 -7.60 -16.54
N SER D 25 9.70 -8.15 -15.36
CA SER D 25 8.62 -8.64 -14.51
C SER D 25 9.03 -8.61 -13.04
N LEU D 26 8.02 -8.73 -12.18
CA LEU D 26 8.20 -8.58 -10.73
C LEU D 26 8.79 -9.82 -10.09
N LYS D 27 8.67 -10.95 -10.79
CA LYS D 27 9.22 -12.24 -10.37
C LYS D 27 10.75 -12.20 -10.19
N PRO D 28 11.31 -13.20 -9.47
CA PRO D 28 12.75 -13.16 -9.21
C PRO D 28 13.55 -13.44 -10.48
N ARG D 29 14.45 -12.53 -10.79
CA ARG D 29 15.19 -12.51 -12.06
C ARG D 29 16.64 -12.87 -11.85
N VAL D 30 17.29 -13.28 -12.93
CA VAL D 30 18.73 -13.49 -12.91
C VAL D 30 19.38 -12.14 -13.23
N VAL D 31 20.11 -11.58 -12.27
CA VAL D 31 20.54 -10.17 -12.34
C VAL D 31 22.02 -9.94 -12.04
N ASP D 32 22.72 -9.24 -12.93
CA ASP D 32 24.15 -8.98 -12.77
C ASP D 32 24.36 -7.83 -11.80
N PHE D 33 25.11 -8.07 -10.72
CA PHE D 33 25.24 -7.08 -9.66
C PHE D 33 25.92 -5.80 -10.10
N ASP D 34 27.13 -5.90 -10.63
CA ASP D 34 28.00 -4.72 -10.75
C ASP D 34 27.59 -3.76 -11.86
N GLU D 35 26.99 -4.35 -12.90
CA GLU D 35 26.28 -3.60 -13.92
C GLU D 35 25.32 -2.61 -13.27
N THR D 36 24.66 -3.07 -12.20
CA THR D 36 23.62 -2.31 -11.53
C THR D 36 24.16 -1.42 -10.41
N TRP D 37 25.00 -1.97 -9.54
CA TRP D 37 25.52 -1.20 -8.43
C TRP D 37 26.34 -0.02 -8.92
N ASN D 38 26.82 -0.07 -10.16
CA ASN D 38 27.49 1.12 -10.70
C ASN D 38 26.51 2.29 -10.91
N LYS D 39 25.45 2.06 -11.68
CA LYS D 39 24.51 3.14 -11.99
C LYS D 39 23.84 3.62 -10.70
N LEU D 40 23.50 2.65 -9.86
CA LEU D 40 22.99 2.97 -8.56
C LEU D 40 24.01 3.84 -7.83
N LEU D 41 25.30 3.52 -7.95
CA LEU D 41 26.30 4.26 -7.19
C LEU D 41 26.34 5.72 -7.62
N THR D 42 26.37 5.93 -8.93
CA THR D 42 26.37 7.29 -9.46
C THR D 42 25.21 8.05 -8.81
N THR D 43 24.02 7.44 -8.85
CA THR D 43 22.83 8.10 -8.30
C THR D 43 22.92 8.33 -6.78
N ILE D 44 23.52 7.39 -6.06
CA ILE D 44 23.65 7.46 -4.61
C ILE D 44 24.50 8.65 -4.21
N LYS D 45 25.70 8.73 -4.78
CA LYS D 45 26.59 9.82 -4.39
C LYS D 45 25.95 11.14 -4.82
N ALA D 46 25.20 11.13 -5.93
CA ALA D 46 24.39 12.30 -6.27
C ALA D 46 23.47 12.67 -5.10
N VAL D 47 22.80 11.67 -4.55
CA VAL D 47 21.76 11.88 -3.55
C VAL D 47 22.27 12.35 -2.18
N VAL D 48 23.45 11.88 -1.77
CA VAL D 48 24.00 12.25 -0.46
C VAL D 48 24.43 13.72 -0.39
N MET D 49 24.98 14.24 -1.49
CA MET D 49 25.48 15.62 -1.53
C MET D 49 24.41 16.57 -2.07
N LEU D 50 23.18 16.07 -2.19
CA LEU D 50 22.03 16.86 -2.59
C LEU D 50 22.08 17.39 -4.03
N GLU D 51 23.05 16.94 -4.81
CA GLU D 51 23.08 17.23 -6.25
C GLU D 51 21.84 16.69 -6.96
N TYR D 52 21.66 17.08 -8.22
CA TYR D 52 20.43 16.78 -8.96
C TYR D 52 20.30 15.29 -9.29
N VAL D 53 19.11 14.75 -9.13
CA VAL D 53 18.76 13.45 -9.70
C VAL D 53 17.54 13.67 -10.58
N GLU D 54 17.62 13.23 -11.83
CA GLU D 54 16.47 13.31 -12.71
C GLU D 54 15.46 12.27 -12.25
N ARG D 55 14.19 12.65 -12.18
CA ARG D 55 13.22 11.80 -11.53
C ARG D 55 13.02 10.47 -12.23
N ALA D 56 13.19 10.44 -13.54
CA ALA D 56 13.05 9.18 -14.28
C ALA D 56 14.03 8.12 -13.77
N THR D 57 15.28 8.51 -13.62
CA THR D 57 16.30 7.57 -13.19
C THR D 57 16.10 7.23 -11.71
N TRP D 58 15.44 8.12 -10.98
CA TRP D 58 15.08 7.87 -9.59
C TRP D 58 14.10 6.68 -9.51
N ASN D 59 13.04 6.77 -10.32
CA ASN D 59 12.11 5.66 -10.51
C ASN D 59 12.82 4.34 -10.85
N ASP D 60 13.69 4.43 -11.84
CA ASP D 60 14.45 3.26 -12.24
C ASP D 60 15.36 2.72 -11.12
N ARG D 61 15.92 3.59 -10.30
CA ARG D 61 16.77 3.15 -9.17
C ARG D 61 15.94 2.35 -8.18
N PHE D 62 14.71 2.81 -7.93
CA PHE D 62 13.77 2.00 -7.16
C PHE D 62 13.61 0.58 -7.75
N SER D 63 13.49 0.53 -9.08
CA SER D 63 13.29 -0.75 -9.75
C SER D 63 14.55 -1.65 -9.72
N ASP D 64 15.70 -0.98 -9.62
CA ASP D 64 16.97 -1.67 -9.51
C ASP D 64 17.12 -2.26 -8.11
N ILE D 65 16.84 -1.50 -7.07
CA ILE D 65 17.01 -2.05 -5.73
C ILE D 65 16.01 -3.20 -5.53
N TYR D 66 14.86 -3.12 -6.18
CA TYR D 66 13.97 -4.28 -6.16
C TYR D 66 14.61 -5.49 -6.82
N ALA D 67 14.98 -5.36 -8.10
CA ALA D 67 15.51 -6.49 -8.87
C ALA D 67 16.71 -7.15 -8.19
N LEU D 68 17.55 -6.30 -7.63
CA LEU D 68 18.67 -6.69 -6.81
C LEU D 68 18.20 -7.51 -5.61
N CYS D 69 17.15 -7.04 -4.93
CA CYS D 69 16.71 -7.74 -3.73
C CYS D 69 16.06 -9.08 -4.00
N VAL D 70 15.45 -9.25 -5.18
CA VAL D 70 14.76 -10.50 -5.49
C VAL D 70 15.56 -11.53 -6.31
N ALA D 71 16.67 -11.09 -6.92
CA ALA D 71 17.48 -11.92 -7.83
C ALA D 71 17.98 -13.32 -7.35
N TYR D 72 18.08 -14.28 -8.28
CA TYR D 72 18.76 -15.55 -8.02
C TYR D 72 20.12 -15.60 -8.73
N PRO D 73 20.92 -16.64 -8.46
CA PRO D 73 20.82 -17.75 -7.51
C PRO D 73 20.80 -17.34 -6.04
N GLU D 74 21.59 -16.35 -5.64
CA GLU D 74 21.48 -15.84 -4.27
C GLU D 74 21.03 -14.37 -4.29
N PRO D 75 20.17 -13.98 -3.33
CA PRO D 75 19.64 -12.61 -3.29
C PRO D 75 20.71 -11.60 -2.98
N LEU D 76 20.83 -10.59 -3.81
CA LEU D 76 21.81 -9.54 -3.59
C LEU D 76 21.34 -8.48 -2.60
N GLY D 77 20.46 -8.82 -1.67
CA GLY D 77 20.09 -7.88 -0.62
C GLY D 77 21.28 -7.47 0.25
N GLU D 78 21.87 -8.47 0.90
CA GLU D 78 22.97 -8.25 1.83
C GLU D 78 24.17 -7.58 1.19
N ARG D 79 24.43 -7.95 -0.06
CA ARG D 79 25.60 -7.45 -0.75
C ARG D 79 25.44 -5.95 -1.01
N LEU D 80 24.22 -5.57 -1.36
CA LEU D 80 23.85 -4.17 -1.60
C LEU D 80 23.94 -3.39 -0.30
N TYR D 81 23.54 -4.03 0.80
CA TYR D 81 23.71 -3.42 2.10
C TYR D 81 25.16 -3.08 2.37
N THR D 82 26.04 -4.07 2.25
CA THR D 82 27.44 -3.82 2.59
C THR D 82 28.15 -2.83 1.64
N GLU D 83 27.87 -2.91 0.35
CA GLU D 83 28.40 -1.89 -0.57
C GLU D 83 27.93 -0.48 -0.19
N THR D 84 26.66 -0.36 0.21
CA THR D 84 26.15 0.94 0.66
C THR D 84 26.86 1.38 1.95
N LYS D 85 27.05 0.47 2.89
CA LYS D 85 27.74 0.79 4.13
C LYS D 85 29.18 1.26 3.89
N ILE D 86 29.92 0.60 3.00
CA ILE D 86 31.29 1.07 2.73
C ILE D 86 31.20 2.47 2.11
N PHE D 87 30.19 2.67 1.27
CA PHE D 87 30.05 3.97 0.64
C PHE D 87 29.88 5.09 1.67
N LEU D 88 29.05 4.85 2.68
CA LEU D 88 28.86 5.84 3.73
C LEU D 88 30.12 6.01 4.58
N GLU D 89 30.85 4.93 4.86
CA GLU D 89 32.10 5.07 5.62
C GLU D 89 33.06 6.02 4.90
N ASN D 90 33.30 5.76 3.62
CA ASN D 90 34.18 6.64 2.84
C ASN D 90 33.69 8.07 2.81
N HIS D 91 32.37 8.24 2.75
CA HIS D 91 31.84 9.58 2.59
C HIS D 91 31.85 10.40 3.89
N VAL D 92 31.58 9.76 5.02
CA VAL D 92 31.57 10.47 6.30
C VAL D 92 32.99 10.69 6.77
N ARG D 93 33.88 9.77 6.44
CA ARG D 93 35.30 9.96 6.72
C ARG D 93 35.89 11.07 5.82
N HIS D 94 35.41 11.14 4.59
CA HIS D 94 35.80 12.21 3.69
C HIS D 94 35.26 13.56 4.14
N LEU D 95 34.08 13.54 4.74
CA LEU D 95 33.51 14.76 5.31
C LEU D 95 34.36 15.17 6.50
N HIS D 96 34.81 14.17 7.25
CA HIS D 96 35.70 14.38 8.38
C HIS D 96 37.00 15.03 7.93
N LYS D 97 37.47 14.67 6.73
CA LYS D 97 38.74 15.21 6.21
C LYS D 97 38.57 16.56 5.50
N ARG D 98 37.37 16.83 4.99
CA ARG D 98 37.11 18.08 4.31
C ARG D 98 36.81 19.17 5.33
N VAL D 99 36.17 18.78 6.44
CA VAL D 99 35.95 19.69 7.55
C VAL D 99 37.21 19.73 8.43
N LEU D 100 38.07 18.72 8.29
CA LEU D 100 39.38 18.69 8.94
C LEU D 100 40.24 19.88 8.52
N GLU D 101 40.20 20.20 7.22
CA GLU D 101 40.78 21.43 6.74
C GLU D 101 40.03 22.57 7.42
N SER D 102 40.67 23.11 8.45
CA SER D 102 40.11 24.14 9.31
C SER D 102 39.26 25.16 8.54
N GLU D 103 39.88 25.81 7.56
CA GLU D 103 39.25 26.89 6.81
C GLU D 103 38.79 27.98 7.77
N GLU D 104 39.46 28.06 8.92
CA GLU D 104 39.05 28.92 10.05
C GLU D 104 37.59 28.64 10.45
N GLN D 105 37.12 27.46 10.07
CA GLN D 105 35.70 27.17 10.12
C GLN D 105 35.43 25.70 10.36
N VAL D 106 35.67 25.25 11.58
CA VAL D 106 35.07 24.01 12.01
C VAL D 106 33.63 24.40 12.36
N LEU D 107 32.82 23.46 12.82
CA LEU D 107 31.44 23.75 13.17
C LEU D 107 30.60 24.32 12.03
N VAL D 108 30.87 25.55 11.59
CA VAL D 108 30.09 26.11 10.50
C VAL D 108 30.20 25.25 9.26
N MET D 109 31.42 24.82 8.93
CA MET D 109 31.62 23.83 7.89
C MET D 109 30.91 22.54 8.29
N TYR D 110 31.23 22.05 9.49
CA TYR D 110 30.55 20.90 10.05
C TYR D 110 29.04 21.01 9.89
N HIS D 111 28.49 22.15 10.27
CA HIS D 111 27.05 22.34 10.18
C HIS D 111 26.55 22.21 8.75
N ARG D 112 27.06 23.03 7.83
CA ARG D 112 26.63 22.96 6.44
C ARG D 112 26.63 21.52 5.93
N TYR D 113 27.74 20.83 6.22
CA TYR D 113 27.87 19.45 5.78
C TYR D 113 26.85 18.52 6.43
N TRP D 114 26.47 18.80 7.68
CA TRP D 114 25.51 17.94 8.39
C TRP D 114 24.07 18.16 7.94
N GLU D 115 23.74 19.40 7.63
CA GLU D 115 22.46 19.72 7.02
C GLU D 115 22.34 18.92 5.73
N GLU D 116 23.35 19.10 4.88
CA GLU D 116 23.46 18.36 3.61
C GLU D 116 23.28 16.86 3.78
N TYR D 117 24.26 16.25 4.44
CA TYR D 117 24.29 14.82 4.67
C TYR D 117 23.02 14.27 5.31
N SER D 118 22.34 15.07 6.12
CA SER D 118 21.10 14.62 6.75
C SER D 118 19.94 14.55 5.76
N LYS D 119 19.69 15.62 5.02
CA LYS D 119 18.61 15.50 4.04
C LYS D 119 18.95 14.36 3.06
N GLY D 120 20.23 14.26 2.69
CA GLY D 120 20.71 13.16 1.86
C GLY D 120 20.32 11.78 2.41
N ALA D 121 20.68 11.54 3.68
CA ALA D 121 20.35 10.29 4.33
C ALA D 121 18.85 10.04 4.30
N ASP D 122 18.05 11.10 4.41
CA ASP D 122 16.61 10.96 4.31
C ASP D 122 16.19 10.44 2.94
N TYR D 123 16.75 11.05 1.89
CA TYR D 123 16.36 10.70 0.54
C TYR D 123 16.78 9.26 0.20
N MET D 124 17.89 8.82 0.79
CA MET D 124 18.35 7.44 0.61
C MET D 124 17.45 6.50 1.33
N ASP D 125 17.06 6.87 2.53
CA ASP D 125 16.13 6.07 3.30
C ASP D 125 14.87 5.86 2.45
N CYS D 126 14.46 6.90 1.74
CA CYS D 126 13.37 6.78 0.75
C CYS D 126 13.67 5.77 -0.35
N LEU D 127 14.81 5.96 -1.02
CA LEU D 127 15.21 5.18 -2.19
C LEU D 127 15.43 3.70 -1.86
N TYR D 128 15.91 3.43 -0.65
CA TYR D 128 16.21 2.07 -0.26
C TYR D 128 15.06 1.42 0.45
N ARG D 129 13.87 1.99 0.31
CA ARG D 129 12.72 1.58 1.09
C ARG D 129 12.55 0.06 1.13
N TYR D 130 12.49 -0.60 -0.02
CA TYR D 130 12.27 -2.05 -0.04
C TYR D 130 13.35 -2.79 0.75
N LEU D 131 14.63 -2.42 0.58
CA LEU D 131 15.68 -3.04 1.38
C LEU D 131 15.40 -2.85 2.86
N ASN D 132 14.91 -1.66 3.23
CA ASN D 132 14.56 -1.41 4.62
C ASN D 132 13.42 -2.31 5.10
N THR D 133 12.24 -2.21 4.47
CA THR D 133 11.04 -2.91 4.94
C THR D 133 11.20 -4.45 4.86
N GLN D 134 11.52 -4.96 3.67
CA GLN D 134 11.48 -6.40 3.44
C GLN D 134 12.77 -7.13 3.78
N PHE D 135 13.92 -6.46 3.87
CA PHE D 135 15.14 -7.20 4.16
C PHE D 135 15.58 -7.05 5.61
N ILE D 136 15.54 -5.85 6.17
CA ILE D 136 15.84 -5.74 7.58
C ILE D 136 14.53 -5.97 8.39
N LYS D 137 13.94 -7.11 8.07
CA LYS D 137 12.94 -7.76 8.90
C LYS D 137 13.66 -9.00 9.40
N LYS D 138 14.51 -9.55 8.53
CA LYS D 138 15.47 -10.59 8.90
C LYS D 138 16.17 -10.26 10.22
N ASN D 139 16.56 -9.00 10.37
CA ASN D 139 17.20 -8.54 11.61
C ASN D 139 17.02 -7.05 11.83
N PRO D 158 24.58 -6.75 13.77
CA PRO D 158 23.31 -6.04 13.98
C PRO D 158 22.98 -5.03 12.88
N LEU D 159 22.18 -5.45 11.90
CA LEU D 159 21.80 -4.60 10.76
C LEU D 159 20.81 -3.50 11.15
N MET D 160 20.85 -2.37 10.45
CA MET D 160 19.95 -1.25 10.70
C MET D 160 19.50 -0.56 9.39
N GLU D 161 18.38 0.16 9.43
CA GLU D 161 17.80 0.81 8.24
C GLU D 161 18.80 1.75 7.60
N ILE D 162 18.71 1.93 6.28
CA ILE D 162 19.73 2.67 5.51
C ILE D 162 19.99 4.05 6.12
N GLY D 163 18.91 4.74 6.50
CA GLY D 163 19.03 6.06 7.08
C GLY D 163 19.74 5.98 8.41
N GLU D 164 19.22 5.13 9.30
CA GLU D 164 19.82 4.97 10.61
C GLU D 164 21.32 4.70 10.49
N LEU D 165 21.71 3.79 9.60
CA LEU D 165 23.11 3.51 9.27
C LEU D 165 23.92 4.75 8.94
N ALA D 166 23.39 5.54 8.02
CA ALA D 166 23.98 6.83 7.70
C ALA D 166 24.26 7.59 9.00
N LEU D 167 23.28 7.61 9.88
CA LEU D 167 23.44 8.32 11.15
C LEU D 167 24.56 7.74 12.00
N ASP D 168 24.71 6.42 12.05
CA ASP D 168 25.79 5.86 12.87
C ASP D 168 27.15 6.27 12.34
N MET D 169 27.29 6.22 11.01
CA MET D 169 28.52 6.68 10.36
C MET D 169 28.86 8.13 10.75
N TRP D 170 27.85 9.00 10.71
CA TRP D 170 28.13 10.35 11.14
C TRP D 170 28.45 10.38 12.64
N ARG D 171 27.92 9.44 13.42
CA ARG D 171 28.22 9.42 14.84
C ARG D 171 29.67 8.95 15.09
N LYS D 172 30.33 8.39 14.07
CA LYS D 172 31.79 8.28 14.17
C LYS D 172 32.48 9.59 13.70
N LEU D 173 31.91 10.33 12.73
CA LEU D 173 32.43 11.70 12.47
C LEU D 173 32.32 12.61 13.69
N MET D 174 31.34 12.40 14.54
CA MET D 174 31.17 13.22 15.72
C MET D 174 31.93 12.62 16.91
N VAL D 175 31.98 11.29 16.99
CA VAL D 175 32.77 10.63 18.05
C VAL D 175 34.25 10.98 17.91
N GLU D 176 34.70 11.25 16.68
CA GLU D 176 36.11 11.58 16.52
C GLU D 176 36.44 13.01 17.05
N PRO D 177 35.77 14.08 16.56
CA PRO D 177 35.90 15.34 17.31
C PRO D 177 35.26 15.43 18.71
N LEU D 178 34.47 14.47 19.16
CA LEU D 178 34.09 14.50 20.58
C LEU D 178 35.32 14.14 21.41
N GLN D 179 36.18 13.30 20.83
CA GLN D 179 37.45 12.94 21.47
C GLN D 179 38.46 14.09 21.35
N ALA D 180 38.60 14.65 20.15
CA ALA D 180 39.51 15.79 19.93
C ALA D 180 39.02 17.08 20.60
N ILE D 181 38.19 16.94 21.63
CA ILE D 181 37.72 18.07 22.41
C ILE D 181 38.54 18.15 23.69
N LEU D 182 39.51 17.23 23.77
CA LEU D 182 40.51 17.16 24.85
C LEU D 182 39.90 16.55 26.11
#